data_3USL
#
_entry.id   3USL
#
_cell.length_a   122.323
_cell.length_b   90.062
_cell.length_c   81.968
_cell.angle_alpha   90.00
_cell.angle_beta   103.88
_cell.angle_gamma   90.00
#
_symmetry.space_group_name_H-M   'C 1 2 1'
#
loop_
_entity.id
_entity.type
_entity.pdbx_description
1 polymer Transporter
2 non-polymer 'SODIUM ION'
3 non-polymer SELENOMETHIONINE
4 non-polymer 'ACETATE ION'
5 non-polymer PHOSPHOCHOLINE
6 non-polymer 'IODIDE ION'
7 water water
#
_entity_poly.entity_id   1
_entity_poly.type   'polypeptide(L)'
_entity_poly.pdbx_seq_one_letter_code
;MEVKREHWATRLGLILAMAGNAVGLGNFLRFPVQAAENGGGAFMIPYIIAFLLVGIPLMWIEWAMGRYGGAQGHGTTPAI
FYLLWRNRFAKILGVFGLWIPLVVAIYYVYIESWTLGFAIKFLVGLVPEPPPNATDPDSILRPFKEFLYSYIGVPKGDEP
ILKPSLFAYIVFLITMFINVSILIRGISKGIERFAKIAMPTLFILAVFLVIRVFLLETPNGTAADGLNFLWTPDFEKLKD
PGVWIAAVGQIFFTLSLGFGAIITYASYVRKDQDIVLSGLTAATLNEKAEVILGGSISIPAAVAFFGVANAVAIAKAGAF
NLGFITLPAIFSQTAGGTFLGFLWFFLLFFAGLTSSIAIMQPMIAFLEDELKLSRKHAVLWTAAIVFFSAHLVMFLNKSL
DEMDFWAGTIGVVFFGLTELIIFFWIFGADKAWEEINRGGIIKVPRIYYYVMRYITPAFLAVLLVVWAREYIPKIMEETH
WTVWITRFYIIGLFLFLTFLVFLAERRRNHESAGTLVPR
;
_entity_poly.pdbx_strand_id   A
#
loop_
_chem_comp.id
_chem_comp.type
_chem_comp.name
_chem_comp.formula
ACT non-polymer 'ACETATE ION' 'C2 H3 O2 -1'
IOD non-polymer 'IODIDE ION' 'I -1'
NA non-polymer 'SODIUM ION' 'Na 1'
PC non-polymer PHOSPHOCHOLINE 'C5 H15 N O4 P 1'
#
# COMPACT_ATOMS: atom_id res chain seq x y z
N ARG A 5 -1.59 -10.64 25.83
CA ARG A 5 -1.57 -10.00 24.53
C ARG A 5 -2.92 -9.34 24.23
N GLU A 6 -2.90 -8.26 23.47
CA GLU A 6 -4.14 -7.60 23.06
C GLU A 6 -4.77 -8.35 21.90
N HIS A 7 -6.09 -8.25 21.79
CA HIS A 7 -6.82 -8.97 20.75
C HIS A 7 -7.94 -8.14 20.14
N TRP A 8 -8.38 -8.53 18.96
CA TRP A 8 -9.52 -7.90 18.31
C TRP A 8 -10.79 -8.21 19.08
N ALA A 9 -11.64 -7.22 19.28
CA ALA A 9 -12.86 -7.39 20.05
C ALA A 9 -13.87 -8.30 19.35
N THR A 10 -14.17 -7.98 18.08
CA THR A 10 -15.15 -8.75 17.32
C THR A 10 -14.59 -9.20 15.97
N ARG A 11 -15.25 -10.16 15.35
CA ARG A 11 -14.84 -10.66 14.04
C ARG A 11 -15.06 -9.60 12.96
N LEU A 12 -16.15 -8.86 13.07
CA LEU A 12 -16.44 -7.78 12.15
C LEU A 12 -15.34 -6.72 12.19
N GLY A 13 -15.00 -6.29 13.40
CA GLY A 13 -13.96 -5.31 13.60
C GLY A 13 -12.63 -5.78 13.01
N LEU A 14 -12.32 -7.05 13.22
CA LEU A 14 -11.13 -7.65 12.64
C LEU A 14 -11.16 -7.53 11.12
N ILE A 15 -12.27 -7.97 10.53
CA ILE A 15 -12.42 -7.94 9.07
C ILE A 15 -12.23 -6.53 8.52
N LEU A 16 -12.89 -5.56 9.13
CA LEU A 16 -12.82 -4.18 8.66
C LEU A 16 -11.45 -3.56 8.90
N ALA A 17 -10.75 -4.02 9.93
CA ALA A 17 -9.40 -3.53 10.22
C ALA A 17 -8.43 -4.03 9.17
N MET A 18 -8.49 -5.33 8.87
CA MET A 18 -7.67 -5.92 7.82
C MET A 18 -7.99 -5.31 6.46
N ALA A 19 -9.27 -5.05 6.22
CA ALA A 19 -9.71 -4.46 4.96
C ALA A 19 -9.20 -3.03 4.85
N GLY A 20 -9.16 -2.33 5.98
CA GLY A 20 -8.62 -0.99 6.03
C GLY A 20 -7.13 -1.04 5.76
N ASN A 21 -6.49 -2.09 6.24
CA ASN A 21 -5.08 -2.32 5.97
C ASN A 21 -4.85 -2.45 4.47
N ALA A 22 -5.54 -3.41 3.85
CA ALA A 22 -5.46 -3.63 2.42
C ALA A 22 -5.88 -2.41 1.59
N VAL A 23 -7.16 -2.03 1.70
CA VAL A 23 -7.73 -0.97 0.87
C VAL A 23 -7.16 0.40 1.20
N GLY A 24 -6.58 1.06 0.20
CA GLY A 24 -5.86 2.31 0.42
C GLY A 24 -5.44 2.99 -0.87
N LEU A 25 -4.45 3.87 -0.76
CA LEU A 25 -3.97 4.64 -1.90
C LEU A 25 -3.59 3.77 -3.10
N GLY A 26 -3.26 2.52 -2.83
CA GLY A 26 -2.91 1.59 -3.89
C GLY A 26 -4.09 1.26 -4.78
N ASN A 27 -5.30 1.34 -4.22
CA ASN A 27 -6.51 1.04 -4.97
C ASN A 27 -6.96 2.15 -5.90
N PHE A 28 -6.95 3.37 -5.40
CA PHE A 28 -7.48 4.51 -6.16
C PHE A 28 -6.42 5.32 -6.89
N LEU A 29 -5.15 4.96 -6.72
CA LEU A 29 -4.06 5.69 -7.36
C LEU A 29 -3.15 4.77 -8.18
N ARG A 30 -2.49 3.84 -7.49
CA ARG A 30 -1.55 2.94 -8.15
C ARG A 30 -2.24 2.07 -9.20
N PHE A 31 -3.37 1.48 -8.83
CA PHE A 31 -4.07 0.53 -9.71
C PHE A 31 -4.49 1.13 -11.06
N PRO A 32 -5.24 2.24 -11.03
CA PRO A 32 -5.65 2.85 -12.30
C PRO A 32 -4.47 3.09 -13.24
N VAL A 33 -3.37 3.58 -12.67
CA VAL A 33 -2.16 3.85 -13.46
C VAL A 33 -1.58 2.57 -14.04
N GLN A 34 -1.40 1.56 -13.20
CA GLN A 34 -0.85 0.28 -13.63
C GLN A 34 -1.69 -0.34 -14.75
N ALA A 35 -3.01 -0.33 -14.56
CA ALA A 35 -3.94 -0.92 -15.52
C ALA A 35 -3.96 -0.13 -16.84
N ALA A 36 -3.87 1.19 -16.73
CA ALA A 36 -3.89 2.03 -17.92
C ALA A 36 -2.61 1.88 -18.74
N GLU A 37 -1.45 1.86 -18.07
CA GLU A 37 -0.17 1.72 -18.75
C GLU A 37 -0.04 0.34 -19.42
N ASN A 38 -0.71 -0.65 -18.84
CA ASN A 38 -0.61 -2.03 -19.31
C ASN A 38 -1.68 -2.46 -20.31
N GLY A 39 -2.50 -1.51 -20.76
CA GLY A 39 -3.46 -1.79 -21.81
C GLY A 39 -4.85 -2.19 -21.39
N GLY A 40 -5.29 -1.76 -20.20
CA GLY A 40 -6.64 -2.04 -19.76
C GLY A 40 -6.89 -3.51 -19.50
N GLY A 41 -7.86 -4.08 -20.20
CA GLY A 41 -8.21 -5.48 -20.03
C GLY A 41 -7.03 -6.41 -20.11
N ALA A 42 -6.05 -6.08 -20.95
CA ALA A 42 -4.86 -6.92 -21.11
C ALA A 42 -4.15 -7.13 -19.78
N PHE A 43 -4.23 -6.14 -18.91
CA PHE A 43 -3.60 -6.18 -17.61
C PHE A 43 -4.40 -7.01 -16.61
N MET A 44 -5.70 -7.12 -16.85
CA MET A 44 -6.62 -7.79 -15.91
C MET A 44 -6.37 -9.29 -15.75
N ILE A 45 -6.19 -9.99 -16.86
CA ILE A 45 -5.96 -11.44 -16.81
C ILE A 45 -4.79 -11.77 -15.89
N PRO A 46 -3.60 -11.23 -16.21
CA PRO A 46 -2.42 -11.47 -15.37
C PRO A 46 -2.70 -11.02 -13.95
N TYR A 47 -3.52 -9.99 -13.81
CA TYR A 47 -3.86 -9.47 -12.49
C TYR A 47 -4.68 -10.47 -11.70
N ILE A 48 -5.64 -11.10 -12.36
CA ILE A 48 -6.50 -12.08 -11.69
C ILE A 48 -5.69 -13.32 -11.33
N ILE A 49 -4.97 -13.87 -12.30
CA ILE A 49 -4.11 -15.02 -12.05
C ILE A 49 -3.17 -14.75 -10.87
N ALA A 50 -2.47 -13.62 -10.93
CA ALA A 50 -1.57 -13.24 -9.85
C ALA A 50 -2.29 -13.17 -8.51
N PHE A 51 -3.57 -12.80 -8.55
CA PHE A 51 -4.38 -12.75 -7.34
C PHE A 51 -4.65 -14.15 -6.79
N LEU A 52 -4.85 -15.11 -7.69
CA LEU A 52 -5.16 -16.48 -7.28
C LEU A 52 -3.93 -17.26 -6.84
N LEU A 53 -2.83 -17.11 -7.57
CA LEU A 53 -1.63 -17.91 -7.32
C LEU A 53 -0.64 -17.25 -6.36
N VAL A 54 -0.87 -15.99 -6.03
CA VAL A 54 0.07 -15.25 -5.19
C VAL A 54 -0.61 -14.57 -4.00
N GLY A 55 -1.52 -13.65 -4.29
CA GLY A 55 -2.19 -12.87 -3.27
C GLY A 55 -2.91 -13.68 -2.20
N ILE A 56 -3.75 -14.62 -2.63
CA ILE A 56 -4.52 -15.43 -1.69
C ILE A 56 -3.65 -16.33 -0.81
N PRO A 57 -2.79 -17.16 -1.43
CA PRO A 57 -1.93 -18.06 -0.65
C PRO A 57 -1.01 -17.31 0.33
N LEU A 58 -0.41 -16.21 -0.14
CA LEU A 58 0.45 -15.42 0.73
C LEU A 58 -0.34 -14.72 1.83
N MET A 59 -1.57 -14.32 1.51
CA MET A 59 -2.45 -13.72 2.50
C MET A 59 -2.69 -14.70 3.63
N TRP A 60 -3.11 -15.92 3.27
CA TRP A 60 -3.35 -16.96 4.25
C TRP A 60 -2.09 -17.28 5.05
N ILE A 61 -0.97 -17.41 4.36
CA ILE A 61 0.31 -17.71 5.01
C ILE A 61 0.66 -16.65 6.05
N GLU A 62 0.43 -15.39 5.72
CA GLU A 62 0.75 -14.29 6.63
C GLU A 62 -0.20 -14.24 7.81
N TRP A 63 -1.49 -14.50 7.56
CA TRP A 63 -2.43 -14.63 8.66
C TRP A 63 -1.98 -15.73 9.62
N ALA A 64 -1.56 -16.85 9.07
CA ALA A 64 -1.16 -18.01 9.86
C ALA A 64 0.09 -17.72 10.70
N MET A 65 1.13 -17.19 10.05
CA MET A 65 2.34 -16.83 10.76
C MET A 65 2.04 -15.81 11.84
N GLY A 66 1.25 -14.81 11.49
CA GLY A 66 0.84 -13.78 12.42
C GLY A 66 0.18 -14.33 13.67
N ARG A 67 -0.88 -15.12 13.49
CA ARG A 67 -1.58 -15.71 14.63
C ARG A 67 -0.67 -16.64 15.43
N TYR A 68 0.13 -17.42 14.73
CA TYR A 68 1.06 -18.35 15.35
C TYR A 68 2.02 -17.62 16.29
N GLY A 69 2.67 -16.58 15.79
CA GLY A 69 3.60 -15.80 16.59
C GLY A 69 2.88 -15.06 17.70
N GLY A 70 1.69 -14.55 17.39
CA GLY A 70 0.90 -13.80 18.34
C GLY A 70 0.52 -14.64 19.55
N ALA A 71 0.25 -15.92 19.33
CA ALA A 71 -0.08 -16.82 20.42
C ALA A 71 1.03 -16.86 21.46
N GLN A 72 2.27 -16.71 21.00
CA GLN A 72 3.43 -16.77 21.88
C GLN A 72 3.90 -15.38 22.31
N GLY A 73 3.17 -14.35 21.89
CA GLY A 73 3.47 -12.99 22.31
C GLY A 73 4.39 -12.24 21.37
N HIS A 74 4.46 -12.69 20.12
CA HIS A 74 5.32 -12.06 19.13
C HIS A 74 4.55 -11.68 17.87
N GLY A 75 4.52 -10.39 17.57
CA GLY A 75 3.77 -9.88 16.43
C GLY A 75 4.62 -9.50 15.23
N THR A 76 5.93 -9.63 15.36
CA THR A 76 6.83 -9.22 14.28
C THR A 76 7.72 -10.36 13.77
N THR A 77 8.16 -10.22 12.53
CA THR A 77 8.96 -11.25 11.85
C THR A 77 10.32 -11.59 12.48
N PRO A 78 11.01 -10.60 13.06
CA PRO A 78 12.28 -10.97 13.68
C PRO A 78 12.13 -12.14 14.65
N ALA A 79 11.10 -12.11 15.48
CA ALA A 79 10.85 -13.17 16.44
C ALA A 79 10.19 -14.40 15.81
N ILE A 80 9.18 -14.15 14.97
CA ILE A 80 8.41 -15.23 14.36
C ILE A 80 9.26 -16.13 13.47
N PHE A 81 10.09 -15.52 12.62
CA PHE A 81 11.03 -16.26 11.80
C PHE A 81 11.90 -17.18 12.66
N TYR A 82 12.18 -16.72 13.88
CA TYR A 82 13.03 -17.48 14.79
C TYR A 82 12.24 -18.63 15.41
N LEU A 83 10.95 -18.40 15.68
CA LEU A 83 10.10 -19.46 16.20
C LEU A 83 9.92 -20.56 15.16
N LEU A 84 9.80 -20.16 13.89
CA LEU A 84 9.59 -21.12 12.82
C LEU A 84 10.90 -21.82 12.44
N TRP A 85 11.99 -21.08 12.52
CA TRP A 85 13.31 -21.60 12.19
C TRP A 85 14.31 -21.03 13.20
N ARG A 86 15.13 -21.88 13.80
CA ARG A 86 16.06 -21.39 14.81
C ARG A 86 17.38 -21.02 14.15
N ASN A 87 17.60 -19.72 14.01
CA ASN A 87 18.84 -19.21 13.45
C ASN A 87 18.99 -17.74 13.80
N ARG A 88 20.22 -17.22 13.72
CA ARG A 88 20.43 -15.78 13.85
C ARG A 88 20.04 -15.13 12.53
N PHE A 89 20.36 -15.82 11.44
CA PHE A 89 20.05 -15.33 10.10
C PHE A 89 18.55 -15.22 9.87
N ALA A 90 17.78 -16.00 10.61
CA ALA A 90 16.33 -15.91 10.54
C ALA A 90 15.86 -14.58 11.11
N LYS A 91 16.53 -14.14 12.17
CA LYS A 91 16.24 -12.84 12.77
C LYS A 91 16.70 -11.72 11.84
N ILE A 92 17.91 -11.87 11.30
CA ILE A 92 18.44 -10.88 10.37
C ILE A 92 17.51 -10.71 9.17
N LEU A 93 16.95 -11.82 8.70
CA LEU A 93 15.97 -11.78 7.62
C LEU A 93 14.67 -11.17 8.12
N GLY A 94 14.35 -11.44 9.38
CA GLY A 94 13.15 -10.91 9.99
C GLY A 94 13.17 -9.39 10.07
N VAL A 95 14.38 -8.83 10.12
CA VAL A 95 14.53 -7.38 10.19
C VAL A 95 13.76 -6.66 9.09
N PHE A 96 13.61 -7.33 7.93
CA PHE A 96 12.90 -6.74 6.80
C PHE A 96 11.43 -6.48 7.09
N GLY A 97 10.84 -7.28 7.97
CA GLY A 97 9.45 -7.12 8.36
C GLY A 97 9.24 -5.84 9.16
N LEU A 98 10.34 -5.20 9.52
CA LEU A 98 10.32 -3.91 10.19
C LEU A 98 10.77 -2.82 9.21
N TRP A 99 11.98 -2.99 8.69
CA TRP A 99 12.56 -2.08 7.72
C TRP A 99 11.58 -1.71 6.60
N ILE A 100 10.93 -2.70 6.00
CA ILE A 100 10.01 -2.43 4.90
C ILE A 100 8.83 -1.54 5.30
N PRO A 101 8.05 -1.96 6.33
CA PRO A 101 6.90 -1.14 6.74
C PRO A 101 7.31 0.26 7.21
N LEU A 102 8.49 0.38 7.82
CA LEU A 102 8.97 1.69 8.26
C LEU A 102 9.28 2.58 7.05
N VAL A 103 10.12 2.07 6.15
CA VAL A 103 10.49 2.80 4.95
C VAL A 103 9.26 3.23 4.16
N VAL A 104 8.34 2.30 3.93
CA VAL A 104 7.12 2.60 3.20
C VAL A 104 6.29 3.66 3.95
N ALA A 105 6.15 3.47 5.25
CA ALA A 105 5.41 4.40 6.08
C ALA A 105 5.91 5.83 5.88
N ILE A 106 7.23 5.98 5.81
CA ILE A 106 7.84 7.30 5.70
C ILE A 106 7.25 8.17 4.59
N TYR A 107 7.25 7.68 3.35
CA TYR A 107 6.68 8.45 2.24
C TYR A 107 5.16 8.32 2.14
N TYR A 108 4.65 7.14 2.47
CA TYR A 108 3.22 6.87 2.36
C TYR A 108 2.41 7.87 3.18
N VAL A 109 2.79 8.04 4.43
CA VAL A 109 2.08 8.99 5.29
C VAL A 109 2.15 10.40 4.73
N TYR A 110 3.24 10.72 4.04
CA TYR A 110 3.39 12.04 3.42
C TYR A 110 2.36 12.21 2.31
N ILE A 111 2.27 11.22 1.43
CA ILE A 111 1.26 11.27 0.37
C ILE A 111 -0.14 11.42 0.97
N GLU A 112 -0.38 10.65 2.03
CA GLU A 112 -1.63 10.76 2.77
C GLU A 112 -1.88 12.20 3.21
N SER A 113 -0.85 12.85 3.78
CA SER A 113 -0.98 14.24 4.18
C SER A 113 -1.33 15.10 2.98
N TRP A 114 -0.79 14.75 1.81
CA TRP A 114 -1.15 15.44 0.58
C TRP A 114 -2.66 15.37 0.40
N THR A 115 -3.20 14.17 0.43
CA THR A 115 -4.64 13.99 0.22
C THR A 115 -5.45 14.77 1.26
N LEU A 116 -4.95 14.85 2.47
CA LEU A 116 -5.62 15.61 3.52
C LEU A 116 -5.64 17.11 3.22
N GLY A 117 -4.49 17.64 2.84
CA GLY A 117 -4.36 19.05 2.49
C GLY A 117 -5.29 19.41 1.35
N PHE A 118 -5.24 18.60 0.29
CA PHE A 118 -6.13 18.81 -0.85
C PHE A 118 -7.59 18.74 -0.42
N ALA A 119 -7.92 17.78 0.44
CA ALA A 119 -9.28 17.68 0.97
C ALA A 119 -9.71 18.99 1.61
N ILE A 120 -8.86 19.52 2.49
CA ILE A 120 -9.15 20.77 3.18
C ILE A 120 -9.34 21.93 2.21
N LYS A 121 -8.36 22.14 1.34
CA LYS A 121 -8.43 23.27 0.39
C LYS A 121 -9.62 23.17 -0.55
N PHE A 122 -9.97 21.96 -0.97
CA PHE A 122 -11.12 21.76 -1.84
C PHE A 122 -12.43 21.97 -1.09
N LEU A 123 -12.43 21.62 0.20
CA LEU A 123 -13.61 21.84 1.03
C LEU A 123 -13.84 23.34 1.21
N VAL A 124 -12.82 24.05 1.68
CA VAL A 124 -12.91 25.48 1.90
C VAL A 124 -13.14 26.22 0.59
N GLY A 125 -12.73 25.59 -0.51
CA GLY A 125 -12.98 26.15 -1.82
C GLY A 125 -11.82 26.95 -2.41
N LEU A 126 -10.62 26.78 -1.87
CA LEU A 126 -9.47 27.45 -2.46
C LEU A 126 -8.82 26.49 -3.45
N VAL A 127 -9.05 26.76 -4.73
CA VAL A 127 -8.55 25.91 -5.80
C VAL A 127 -8.34 26.75 -7.05
N PRO A 128 -7.45 26.30 -7.95
CA PRO A 128 -7.28 27.00 -9.23
C PRO A 128 -8.59 27.04 -9.99
N GLU A 129 -8.86 28.14 -10.69
CA GLU A 129 -10.10 28.28 -11.43
C GLU A 129 -9.85 28.30 -12.93
N PRO A 130 -10.20 27.21 -13.62
CA PRO A 130 -10.07 27.11 -15.08
C PRO A 130 -11.21 27.87 -15.77
N PRO A 131 -10.98 28.32 -17.01
CA PRO A 131 -11.99 29.05 -17.79
C PRO A 131 -13.33 28.31 -17.82
N THR A 135 -11.59 25.68 -23.39
CA THR A 135 -11.84 24.42 -24.05
C THR A 135 -10.53 23.71 -24.42
N ASP A 136 -9.41 24.36 -24.11
CA ASP A 136 -8.10 23.79 -24.35
C ASP A 136 -7.67 22.97 -23.13
N PRO A 137 -7.37 21.69 -23.34
CA PRO A 137 -7.00 20.78 -22.25
C PRO A 137 -5.83 21.30 -21.40
N ASP A 138 -4.81 21.84 -22.06
CA ASP A 138 -3.63 22.33 -21.34
C ASP A 138 -3.95 23.52 -20.44
N SER A 139 -4.90 24.34 -20.85
CA SER A 139 -5.29 25.50 -20.06
C SER A 139 -6.12 25.07 -18.85
N ILE A 140 -6.75 23.91 -18.96
CA ILE A 140 -7.52 23.33 -17.86
C ILE A 140 -6.62 22.61 -16.85
N LEU A 141 -5.66 21.85 -17.36
CA LEU A 141 -4.78 21.04 -16.52
C LEU A 141 -3.66 21.87 -15.87
N ARG A 142 -3.14 22.82 -16.63
CA ARG A 142 -2.00 23.64 -16.17
C ARG A 142 -2.20 24.24 -14.77
N PRO A 143 -3.35 24.87 -14.52
CA PRO A 143 -3.61 25.49 -13.21
C PRO A 143 -3.47 24.47 -12.08
N PHE A 144 -3.95 23.26 -12.31
CA PHE A 144 -3.90 22.22 -11.28
C PHE A 144 -2.51 21.63 -11.12
N LYS A 145 -1.77 21.52 -12.24
CA LYS A 145 -0.39 21.10 -12.17
C LYS A 145 0.40 22.10 -11.32
N GLU A 146 0.18 23.38 -11.58
CA GLU A 146 0.84 24.43 -10.82
C GLU A 146 0.41 24.38 -9.36
N PHE A 147 -0.84 24.02 -9.15
CA PHE A 147 -1.39 23.89 -7.80
C PHE A 147 -0.65 22.82 -7.00
N LEU A 148 -0.54 21.63 -7.59
CA LEU A 148 0.16 20.52 -6.95
C LEU A 148 1.64 20.84 -6.74
N TYR A 149 2.28 21.36 -7.78
CA TYR A 149 3.69 21.71 -7.70
C TYR A 149 3.95 22.74 -6.60
N SER A 150 3.07 23.72 -6.50
CA SER A 150 3.19 24.73 -5.44
C SER A 150 3.02 24.07 -4.09
N TYR A 151 2.07 23.14 -4.01
CA TYR A 151 1.81 22.44 -2.75
C TYR A 151 3.05 21.69 -2.25
N ILE A 152 3.59 20.81 -3.10
CA ILE A 152 4.72 19.98 -2.71
C ILE A 152 6.09 20.58 -3.07
N GLY A 153 6.08 21.77 -3.66
CA GLY A 153 7.32 22.46 -3.98
C GLY A 153 8.17 21.79 -5.03
N VAL A 154 7.59 21.53 -6.21
CA VAL A 154 8.31 20.92 -7.31
C VAL A 154 9.13 21.98 -8.07
N PRO A 155 10.40 21.67 -8.35
CA PRO A 155 11.32 22.55 -9.07
C PRO A 155 10.99 22.68 -10.56
N LYS A 156 11.43 23.77 -11.18
CA LYS A 156 11.08 24.07 -12.57
C LYS A 156 11.74 23.12 -13.57
N GLY A 157 13.07 23.01 -13.50
CA GLY A 157 13.80 22.03 -14.29
C GLY A 157 13.82 20.76 -13.47
N ASP A 158 14.87 19.95 -13.58
CA ASP A 158 15.02 18.89 -12.60
C ASP A 158 16.05 19.34 -11.57
N GLU A 159 15.55 19.73 -10.42
CA GLU A 159 16.36 20.25 -9.33
C GLU A 159 16.21 19.41 -8.06
N PRO A 160 17.32 18.86 -7.57
CA PRO A 160 17.35 17.90 -6.46
C PRO A 160 16.55 18.36 -5.22
N ILE A 161 16.36 19.65 -5.04
CA ILE A 161 15.73 20.16 -3.82
C ILE A 161 14.24 20.50 -3.99
N LEU A 162 13.44 20.06 -3.02
CA LEU A 162 12.02 20.37 -3.00
C LEU A 162 11.72 21.44 -1.96
N LYS A 163 10.77 22.32 -2.27
CA LYS A 163 10.39 23.39 -1.35
C LYS A 163 8.91 23.32 -0.98
N PRO A 164 8.58 22.39 -0.07
CA PRO A 164 7.20 22.19 0.40
C PRO A 164 6.66 23.45 1.09
N SER A 165 5.44 23.83 0.74
CA SER A 165 4.80 25.00 1.35
C SER A 165 4.56 24.76 2.83
N LEU A 166 4.51 25.85 3.61
CA LEU A 166 4.27 25.75 5.04
C LEU A 166 3.00 24.96 5.31
N PHE A 167 1.96 25.20 4.51
CA PHE A 167 0.69 24.52 4.67
C PHE A 167 0.84 23.01 4.56
N ALA A 168 1.59 22.55 3.56
CA ALA A 168 1.83 21.12 3.38
C ALA A 168 2.53 20.51 4.58
N TYR A 169 3.51 21.23 5.12
CA TYR A 169 4.24 20.79 6.29
C TYR A 169 3.31 20.65 7.49
N ILE A 170 2.58 21.72 7.79
CA ILE A 170 1.64 21.73 8.91
C ILE A 170 0.62 20.61 8.78
N VAL A 171 0.12 20.40 7.56
CA VAL A 171 -0.83 19.34 7.30
C VAL A 171 -0.19 17.97 7.53
N PHE A 172 1.09 17.87 7.22
CA PHE A 172 1.82 16.64 7.51
C PHE A 172 1.89 16.37 9.01
N LEU A 173 2.20 17.41 9.77
CA LEU A 173 2.19 17.32 11.23
C LEU A 173 0.83 16.85 11.74
N ILE A 174 -0.22 17.50 11.26
CA ILE A 174 -1.58 17.12 11.61
C ILE A 174 -1.85 15.64 11.32
N THR A 175 -1.50 15.21 10.12
CA THR A 175 -1.70 13.83 9.70
C THR A 175 -1.02 12.87 10.67
N MET A 176 0.25 13.16 10.99
CA MET A 176 0.97 12.37 11.97
C MET A 176 0.20 12.32 13.27
N PHE A 177 -0.33 13.47 13.70
CA PHE A 177 -1.11 13.53 14.93
C PHE A 177 -2.34 12.63 14.90
N ILE A 178 -3.02 12.58 13.77
CA ILE A 178 -4.22 11.75 13.63
C ILE A 178 -3.84 10.28 13.71
N ASN A 179 -2.81 9.90 12.95
CA ASN A 179 -2.28 8.54 13.03
C ASN A 179 -1.98 8.16 14.47
N VAL A 180 -1.30 9.06 15.19
CA VAL A 180 -0.92 8.81 16.57
C VAL A 180 -2.13 8.67 17.48
N SER A 181 -3.14 9.52 17.29
CA SER A 181 -4.32 9.51 18.14
C SER A 181 -5.11 8.22 17.94
N ILE A 182 -5.08 7.69 16.72
CA ILE A 182 -5.71 6.39 16.48
C ILE A 182 -4.91 5.24 17.07
N LEU A 183 -3.60 5.21 16.75
CA LEU A 183 -2.73 4.11 17.15
C LEU A 183 -2.56 3.99 18.65
N ILE A 184 -2.57 5.13 19.34
CA ILE A 184 -2.25 5.17 20.76
C ILE A 184 -3.33 4.54 21.64
N ARG A 185 -4.50 4.28 21.05
CA ARG A 185 -5.61 3.71 21.80
C ARG A 185 -5.63 2.18 21.69
N GLY A 186 -4.68 1.62 20.95
CA GLY A 186 -4.51 0.17 20.89
C GLY A 186 -5.22 -0.49 19.73
N ILE A 187 -5.19 -1.82 19.72
CA ILE A 187 -5.77 -2.62 18.65
C ILE A 187 -7.31 -2.52 18.58
N SER A 188 -7.97 -2.85 19.69
CA SER A 188 -9.43 -2.92 19.69
C SER A 188 -10.11 -1.56 19.81
N LYS A 189 -9.59 -0.72 20.70
CA LYS A 189 -10.19 0.60 20.92
C LYS A 189 -9.82 1.62 19.85
N GLY A 190 -8.52 1.73 19.54
CA GLY A 190 -8.07 2.67 18.53
C GLY A 190 -8.30 2.29 17.09
N ILE A 191 -7.81 1.12 16.69
CA ILE A 191 -7.83 0.73 15.28
C ILE A 191 -9.18 0.19 14.82
N GLU A 192 -9.75 -0.70 15.63
CA GLU A 192 -11.01 -1.37 15.30
C GLU A 192 -12.18 -0.37 15.26
N ARG A 193 -12.30 0.40 16.34
CA ARG A 193 -13.35 1.40 16.44
C ARG A 193 -13.32 2.35 15.24
N PHE A 194 -12.12 2.77 14.84
CA PHE A 194 -11.98 3.65 13.69
C PHE A 194 -12.33 2.94 12.39
N ALA A 195 -11.91 1.69 12.27
CA ALA A 195 -12.18 0.91 11.06
C ALA A 195 -13.69 0.78 10.82
N LYS A 196 -14.43 0.50 11.88
CA LYS A 196 -15.88 0.32 11.78
C LYS A 196 -16.61 1.54 11.22
N ILE A 197 -15.95 2.69 11.25
CA ILE A 197 -16.52 3.93 10.74
C ILE A 197 -15.93 4.26 9.37
N ALA A 198 -14.62 4.49 9.37
CA ALA A 198 -13.88 4.84 8.17
C ALA A 198 -14.16 3.91 7.00
N MET A 199 -14.28 2.61 7.26
CA MET A 199 -14.52 1.67 6.16
C MET A 199 -15.87 1.90 5.47
N PRO A 200 -16.97 1.87 6.24
CA PRO A 200 -18.28 2.14 5.64
C PRO A 200 -18.31 3.51 4.96
N THR A 201 -17.79 4.53 5.63
CA THR A 201 -17.72 5.87 5.03
C THR A 201 -17.03 5.80 3.67
N LEU A 202 -15.92 5.06 3.63
CA LEU A 202 -15.11 4.90 2.44
C LEU A 202 -15.90 4.24 1.31
N PHE A 203 -16.57 3.15 1.63
CA PHE A 203 -17.37 2.45 0.62
C PHE A 203 -18.47 3.34 0.07
N ILE A 204 -19.13 4.07 0.96
CA ILE A 204 -20.19 4.99 0.55
C ILE A 204 -19.66 6.06 -0.42
N LEU A 205 -18.60 6.75 -0.01
CA LEU A 205 -17.99 7.77 -0.84
C LEU A 205 -17.56 7.21 -2.19
N ALA A 206 -16.96 6.02 -2.15
CA ALA A 206 -16.47 5.38 -3.37
C ALA A 206 -17.61 5.08 -4.34
N VAL A 207 -18.70 4.53 -3.81
CA VAL A 207 -19.87 4.22 -4.63
C VAL A 207 -20.44 5.50 -5.24
N PHE A 208 -20.63 6.51 -4.40
CA PHE A 208 -21.13 7.79 -4.88
C PHE A 208 -20.28 8.33 -6.03
N LEU A 209 -18.97 8.38 -5.81
CA LEU A 209 -18.05 8.87 -6.83
C LEU A 209 -18.11 8.04 -8.11
N VAL A 210 -18.22 6.72 -7.95
CA VAL A 210 -18.32 5.81 -9.09
C VAL A 210 -19.54 6.14 -9.93
N ILE A 211 -20.69 6.34 -9.28
CA ILE A 211 -21.91 6.68 -9.99
C ILE A 211 -21.80 8.04 -10.68
N ARG A 212 -21.45 9.06 -9.91
CA ARG A 212 -21.29 10.40 -10.45
C ARG A 212 -20.39 10.39 -11.68
N VAL A 213 -19.26 9.69 -11.58
CA VAL A 213 -18.33 9.58 -12.69
C VAL A 213 -18.96 8.86 -13.88
N PHE A 214 -19.69 7.79 -13.60
CA PHE A 214 -20.36 7.04 -14.64
C PHE A 214 -21.31 7.93 -15.43
N LEU A 215 -21.83 8.97 -14.76
CA LEU A 215 -22.73 9.91 -15.41
C LEU A 215 -22.03 10.90 -16.34
N LEU A 216 -20.69 10.86 -16.37
CA LEU A 216 -19.91 11.79 -17.18
C LEU A 216 -19.86 11.39 -18.65
N GLU A 217 -20.37 12.25 -19.52
CA GLU A 217 -20.37 12.01 -20.96
C GLU A 217 -20.13 13.30 -21.74
N THR A 218 -19.21 13.27 -22.69
CA THR A 218 -18.90 14.45 -23.49
C THR A 218 -18.71 14.09 -24.96
N PRO A 219 -18.46 15.09 -25.82
CA PRO A 219 -18.17 14.83 -27.23
C PRO A 219 -16.85 14.09 -27.44
N ASN A 220 -15.98 14.09 -26.43
CA ASN A 220 -14.69 13.41 -26.54
C ASN A 220 -14.72 11.96 -26.03
N GLY A 221 -15.82 11.56 -25.39
CA GLY A 221 -15.94 10.22 -24.87
C GLY A 221 -16.85 10.12 -23.67
N THR A 222 -16.92 8.93 -23.08
CA THR A 222 -17.75 8.69 -21.90
C THR A 222 -17.02 7.81 -20.90
N ALA A 223 -17.53 7.76 -19.68
CA ALA A 223 -16.99 6.89 -18.65
C ALA A 223 -17.16 5.43 -19.08
N ALA A 224 -18.28 5.15 -19.72
CA ALA A 224 -18.56 3.80 -20.22
C ALA A 224 -17.45 3.32 -21.15
N ASP A 225 -16.89 4.24 -21.93
CA ASP A 225 -15.78 3.92 -22.81
C ASP A 225 -14.58 3.46 -21.98
N GLY A 226 -14.33 4.14 -20.88
CA GLY A 226 -13.24 3.79 -19.99
C GLY A 226 -13.45 2.42 -19.37
N LEU A 227 -14.68 2.16 -18.95
CA LEU A 227 -15.02 0.86 -18.38
C LEU A 227 -14.81 -0.25 -19.39
N ASN A 228 -15.24 -0.03 -20.63
CA ASN A 228 -15.02 -0.99 -21.69
C ASN A 228 -13.53 -1.21 -21.92
N PHE A 229 -12.78 -0.11 -22.01
CA PHE A 229 -11.34 -0.18 -22.20
C PHE A 229 -10.65 -1.00 -21.12
N LEU A 230 -11.11 -0.83 -19.88
CA LEU A 230 -10.53 -1.53 -18.76
C LEU A 230 -10.93 -3.01 -18.74
N TRP A 231 -12.17 -3.30 -19.12
CA TRP A 231 -12.69 -4.66 -19.05
C TRP A 231 -12.64 -5.45 -20.37
N THR A 232 -12.12 -4.83 -21.43
CA THR A 232 -12.01 -5.53 -22.71
C THR A 232 -10.69 -6.26 -22.84
N PRO A 233 -10.76 -7.60 -22.88
CA PRO A 233 -9.59 -8.50 -22.94
C PRO A 233 -8.71 -8.26 -24.15
N ASP A 234 -7.39 -8.27 -23.94
CA ASP A 234 -6.43 -8.21 -25.04
C ASP A 234 -5.36 -9.27 -24.80
N PHE A 235 -5.26 -10.21 -25.73
CA PHE A 235 -4.36 -11.35 -25.56
C PHE A 235 -2.98 -11.15 -26.18
N GLU A 236 -2.80 -10.03 -26.86
CA GLU A 236 -1.53 -9.73 -27.51
C GLU A 236 -0.46 -9.31 -26.50
N LYS A 237 -0.91 -8.91 -25.32
CA LYS A 237 0.00 -8.44 -24.28
C LYS A 237 0.39 -9.56 -23.31
N LEU A 238 -0.17 -10.74 -23.51
CA LEU A 238 0.09 -11.87 -22.63
C LEU A 238 1.52 -12.38 -22.77
N LYS A 239 2.19 -12.00 -23.85
CA LYS A 239 3.57 -12.42 -24.09
C LYS A 239 4.56 -11.38 -23.56
N ASP A 240 4.03 -10.29 -23.01
CA ASP A 240 4.87 -9.24 -22.43
C ASP A 240 5.08 -9.51 -20.95
N PRO A 241 6.33 -9.82 -20.57
CA PRO A 241 6.68 -10.09 -19.17
C PRO A 241 6.37 -8.90 -18.26
N GLY A 242 6.59 -7.69 -18.78
CA GLY A 242 6.36 -6.48 -18.02
C GLY A 242 4.98 -6.40 -17.43
N VAL A 243 3.99 -6.89 -18.18
CA VAL A 243 2.60 -6.87 -17.74
C VAL A 243 2.41 -7.79 -16.54
N TRP A 244 3.03 -8.97 -16.60
CA TRP A 244 2.96 -9.92 -15.49
C TRP A 244 3.67 -9.38 -14.26
N ILE A 245 4.83 -8.76 -14.47
CA ILE A 245 5.59 -8.18 -13.38
C ILE A 245 4.80 -7.07 -12.70
N ALA A 246 4.19 -6.21 -13.51
CA ALA A 246 3.37 -5.12 -13.00
C ALA A 246 2.16 -5.65 -12.23
N ALA A 247 1.52 -6.68 -12.78
CA ALA A 247 0.37 -7.29 -12.13
C ALA A 247 0.75 -7.85 -10.77
N VAL A 248 1.85 -8.60 -10.72
CA VAL A 248 2.32 -9.18 -9.48
C VAL A 248 2.64 -8.10 -8.45
N GLY A 249 3.42 -7.10 -8.87
CA GLY A 249 3.74 -5.99 -8.00
C GLY A 249 2.49 -5.34 -7.43
N GLN A 250 1.50 -5.10 -8.29
CA GLN A 250 0.25 -4.50 -7.86
C GLN A 250 -0.47 -5.38 -6.84
N ILE A 251 -0.43 -6.69 -7.06
CA ILE A 251 -1.04 -7.63 -6.12
C ILE A 251 -0.37 -7.54 -4.76
N PHE A 252 0.96 -7.61 -4.74
CA PHE A 252 1.71 -7.49 -3.49
C PHE A 252 1.35 -6.20 -2.76
N PHE A 253 1.46 -5.09 -3.46
CA PHE A 253 1.24 -3.78 -2.85
C PHE A 253 -0.18 -3.62 -2.31
N THR A 254 -1.18 -3.96 -3.13
CA THR A 254 -2.57 -3.71 -2.76
C THR A 254 -3.06 -4.59 -1.61
N LEU A 255 -2.53 -5.82 -1.51
CA LEU A 255 -2.94 -6.73 -0.45
C LEU A 255 -2.08 -6.57 0.80
N SER A 256 -1.13 -5.64 0.75
CA SER A 256 -0.23 -5.39 1.87
C SER A 256 0.65 -6.60 2.17
N LEU A 257 0.95 -7.39 1.14
CA LEU A 257 1.77 -8.57 1.30
C LEU A 257 3.26 -8.23 1.27
N GLY A 258 4.02 -8.81 2.21
CA GLY A 258 5.45 -8.58 2.28
C GLY A 258 5.80 -7.35 3.07
N PHE A 259 4.79 -6.68 3.60
CA PHE A 259 4.99 -5.46 4.38
C PHE A 259 5.10 -5.76 5.87
N GLY A 260 4.88 -7.02 6.23
CA GLY A 260 4.88 -7.42 7.63
C GLY A 260 3.67 -6.90 8.38
N ALA A 261 2.80 -6.16 7.68
CA ALA A 261 1.62 -5.56 8.29
C ALA A 261 0.54 -6.60 8.60
N ILE A 262 0.21 -7.41 7.60
CA ILE A 262 -0.79 -8.46 7.77
C ILE A 262 -0.42 -9.37 8.93
N ILE A 263 0.86 -9.72 9.01
CA ILE A 263 1.34 -10.58 10.08
C ILE A 263 1.09 -9.97 11.46
N THR A 264 1.45 -8.69 11.59
CA THR A 264 1.27 -7.98 12.86
C THR A 264 -0.20 -7.89 13.24
N TYR A 265 -1.04 -7.55 12.27
CA TYR A 265 -2.48 -7.52 12.52
C TYR A 265 -3.00 -8.89 12.94
N ALA A 266 -2.43 -9.94 12.34
CA ALA A 266 -2.88 -11.30 12.61
C ALA A 266 -2.41 -11.81 13.97
N SER A 267 -1.33 -11.23 14.48
CA SER A 267 -0.83 -11.64 15.78
C SER A 267 -1.80 -11.29 16.91
N TYR A 268 -2.75 -10.40 16.62
CA TYR A 268 -3.74 -9.99 17.60
C TYR A 268 -5.04 -10.79 17.47
N VAL A 269 -5.04 -11.75 16.56
CA VAL A 269 -6.14 -12.70 16.45
C VAL A 269 -5.90 -13.84 17.43
N ARG A 270 -6.92 -14.18 18.20
CA ARG A 270 -6.81 -15.26 19.18
C ARG A 270 -6.42 -16.57 18.50
N LYS A 271 -5.65 -17.39 19.22
CA LYS A 271 -5.10 -18.62 18.67
C LYS A 271 -6.18 -19.51 18.03
N ASP A 272 -7.36 -19.54 18.62
CA ASP A 272 -8.41 -20.45 18.17
C ASP A 272 -9.32 -19.88 17.08
N GLN A 273 -9.24 -18.58 16.83
CA GLN A 273 -10.11 -17.94 15.86
C GLN A 273 -9.71 -18.24 14.42
N ASP A 274 -10.68 -18.22 13.52
CA ASP A 274 -10.47 -18.57 12.12
C ASP A 274 -9.78 -17.46 11.34
N ILE A 275 -8.64 -17.78 10.73
CA ILE A 275 -7.98 -16.84 9.83
C ILE A 275 -8.25 -17.10 8.35
N VAL A 276 -8.93 -18.20 8.04
CA VAL A 276 -9.17 -18.58 6.65
C VAL A 276 -10.26 -17.72 5.98
N LEU A 277 -11.44 -17.71 6.58
CA LEU A 277 -12.58 -17.02 6.02
C LEU A 277 -12.42 -15.51 6.22
N SER A 278 -11.80 -15.13 7.33
CA SER A 278 -11.53 -13.73 7.60
C SER A 278 -10.54 -13.18 6.58
N GLY A 279 -9.46 -13.92 6.35
CA GLY A 279 -8.48 -13.54 5.36
C GLY A 279 -9.08 -13.44 3.97
N LEU A 280 -9.76 -14.51 3.55
CA LEU A 280 -10.41 -14.53 2.25
C LEU A 280 -11.36 -13.33 2.10
N THR A 281 -12.08 -13.02 3.17
CA THR A 281 -13.03 -11.91 3.15
C THR A 281 -12.33 -10.56 2.98
N ALA A 282 -11.23 -10.38 3.71
CA ALA A 282 -10.46 -9.14 3.61
C ALA A 282 -9.88 -8.96 2.21
N ALA A 283 -9.29 -10.02 1.67
CA ALA A 283 -8.72 -9.98 0.34
C ALA A 283 -9.78 -9.68 -0.71
N THR A 284 -10.91 -10.38 -0.60
CA THR A 284 -12.02 -10.17 -1.53
C THR A 284 -12.54 -8.74 -1.46
N LEU A 285 -12.70 -8.22 -0.25
CA LEU A 285 -13.12 -6.83 -0.07
C LEU A 285 -12.14 -5.89 -0.75
N ASN A 286 -10.85 -6.17 -0.59
CA ASN A 286 -9.84 -5.35 -1.23
C ASN A 286 -9.95 -5.36 -2.75
N GLU A 287 -10.07 -6.55 -3.33
CA GLU A 287 -10.21 -6.68 -4.78
C GLU A 287 -11.44 -5.96 -5.28
N LYS A 288 -12.55 -6.06 -4.55
CA LYS A 288 -13.76 -5.33 -4.91
C LYS A 288 -13.52 -3.83 -4.88
N ALA A 289 -12.85 -3.35 -3.83
CA ALA A 289 -12.56 -1.92 -3.71
C ALA A 289 -11.56 -1.46 -4.77
N GLU A 290 -10.82 -2.40 -5.34
CA GLU A 290 -9.78 -2.09 -6.32
C GLU A 290 -10.32 -2.05 -7.75
N VAL A 291 -10.79 -3.20 -8.23
CA VAL A 291 -11.20 -3.33 -9.62
C VAL A 291 -12.56 -2.68 -9.90
N ILE A 292 -13.51 -2.82 -8.97
CA ILE A 292 -14.84 -2.27 -9.14
C ILE A 292 -14.90 -0.78 -8.83
N LEU A 293 -14.29 -0.38 -7.72
CA LEU A 293 -14.36 1.01 -7.25
C LEU A 293 -13.21 1.85 -7.80
N GLY A 294 -11.99 1.50 -7.43
CA GLY A 294 -10.81 2.23 -7.87
C GLY A 294 -10.71 2.38 -9.37
N GLY A 295 -11.03 1.32 -10.10
CA GLY A 295 -10.90 1.31 -11.55
C GLY A 295 -12.04 2.01 -12.27
N SER A 296 -13.13 2.28 -11.56
CA SER A 296 -14.30 2.91 -12.17
C SER A 296 -14.36 4.42 -11.99
N ILE A 297 -13.34 4.99 -11.35
CA ILE A 297 -13.36 6.42 -11.06
C ILE A 297 -12.43 7.24 -11.96
N SER A 298 -11.12 7.10 -11.75
CA SER A 298 -10.13 7.92 -12.45
C SER A 298 -10.10 7.67 -13.97
N ILE A 299 -9.92 6.41 -14.34
CA ILE A 299 -9.80 6.07 -15.75
C ILE A 299 -11.04 6.44 -16.57
N PRO A 300 -12.23 6.03 -16.11
CA PRO A 300 -13.45 6.35 -16.85
C PRO A 300 -13.67 7.86 -17.01
N ALA A 301 -13.21 8.65 -16.04
CA ALA A 301 -13.35 10.09 -16.11
C ALA A 301 -12.37 10.68 -17.12
N ALA A 302 -11.11 10.26 -17.01
CA ALA A 302 -10.08 10.70 -17.94
C ALA A 302 -10.44 10.37 -19.38
N VAL A 303 -10.94 9.14 -19.60
CA VAL A 303 -11.38 8.70 -20.90
C VAL A 303 -12.62 9.47 -21.31
N ALA A 304 -13.47 9.77 -20.34
CA ALA A 304 -14.69 10.53 -20.60
C ALA A 304 -14.34 11.87 -21.24
N PHE A 305 -13.50 12.65 -20.56
CA PHE A 305 -13.14 13.98 -21.07
C PHE A 305 -12.14 13.99 -22.24
N PHE A 306 -11.00 13.33 -22.06
CA PHE A 306 -9.92 13.40 -23.05
C PHE A 306 -9.85 12.22 -24.03
N GLY A 307 -10.71 11.23 -23.84
CA GLY A 307 -10.64 10.02 -24.65
C GLY A 307 -9.60 9.02 -24.16
N VAL A 308 -9.66 7.80 -24.71
CA VAL A 308 -8.79 6.71 -24.31
C VAL A 308 -7.30 7.01 -24.48
N ALA A 309 -6.89 7.34 -25.70
CA ALA A 309 -5.47 7.58 -26.00
C ALA A 309 -4.86 8.60 -25.03
N ASN A 310 -5.53 9.73 -24.89
CA ASN A 310 -5.06 10.78 -24.00
C ASN A 310 -5.08 10.34 -22.55
N ALA A 311 -6.08 9.56 -22.17
CA ALA A 311 -6.16 9.03 -20.82
C ALA A 311 -4.96 8.14 -20.49
N VAL A 312 -4.58 7.30 -21.45
CA VAL A 312 -3.43 6.42 -21.29
C VAL A 312 -2.14 7.22 -21.25
N ALA A 313 -2.04 8.24 -22.09
CA ALA A 313 -0.87 9.12 -22.09
C ALA A 313 -0.71 9.78 -20.73
N ILE A 314 -1.82 10.29 -20.19
CA ILE A 314 -1.82 10.91 -18.87
C ILE A 314 -1.42 9.90 -17.80
N ALA A 315 -1.92 8.68 -17.93
CA ALA A 315 -1.59 7.63 -16.97
C ALA A 315 -0.09 7.34 -16.98
N LYS A 316 0.50 7.31 -18.17
CA LYS A 316 1.94 7.07 -18.28
C LYS A 316 2.74 8.26 -17.79
N ALA A 317 2.15 9.45 -17.87
CA ALA A 317 2.82 10.67 -17.44
C ALA A 317 3.33 10.59 -16.00
N GLY A 318 2.56 9.93 -15.14
CA GLY A 318 2.94 9.80 -13.74
C GLY A 318 1.84 9.18 -12.89
N ALA A 319 2.20 8.82 -11.66
CA ALA A 319 1.25 8.20 -10.73
C ALA A 319 0.32 9.23 -10.10
N PHE A 320 0.88 10.37 -9.72
CA PHE A 320 0.12 11.42 -9.04
C PHE A 320 -0.54 12.37 -10.04
N ASN A 321 -0.15 12.29 -11.30
CA ASN A 321 -0.69 13.16 -12.33
C ASN A 321 -2.18 12.93 -12.57
N LEU A 322 -2.59 11.66 -12.48
CA LEU A 322 -3.98 11.30 -12.69
C LEU A 322 -4.86 11.65 -11.48
N GLY A 323 -4.37 11.35 -10.29
CA GLY A 323 -5.12 11.57 -9.07
C GLY A 323 -5.19 13.00 -8.59
N PHE A 324 -4.04 13.67 -8.57
CA PHE A 324 -3.96 15.02 -7.99
C PHE A 324 -4.13 16.16 -9.00
N ILE A 325 -4.13 15.84 -10.29
CA ILE A 325 -4.18 16.88 -11.30
C ILE A 325 -5.32 16.68 -12.29
N THR A 326 -5.26 15.60 -13.06
CA THR A 326 -6.24 15.36 -14.12
C THR A 326 -7.67 15.27 -13.60
N LEU A 327 -7.89 14.43 -12.60
CA LEU A 327 -9.24 14.20 -12.08
C LEU A 327 -9.91 15.46 -11.52
N PRO A 328 -9.20 16.21 -10.66
CA PRO A 328 -9.79 17.45 -10.13
C PRO A 328 -10.01 18.49 -11.23
N ALA A 329 -9.13 18.51 -12.22
CA ALA A 329 -9.26 19.42 -13.35
C ALA A 329 -10.51 19.07 -14.17
N ILE A 330 -10.80 17.78 -14.25
CA ILE A 330 -12.01 17.31 -14.91
C ILE A 330 -13.24 17.71 -14.09
N PHE A 331 -13.16 17.50 -12.78
CA PHE A 331 -14.27 17.84 -11.90
C PHE A 331 -14.60 19.33 -11.96
N SER A 332 -13.56 20.15 -12.06
CA SER A 332 -13.74 21.60 -12.07
C SER A 332 -14.63 22.07 -13.23
N GLN A 333 -14.76 21.23 -14.24
CA GLN A 333 -15.55 21.58 -15.43
C GLN A 333 -17.01 21.17 -15.28
N THR A 334 -17.36 20.65 -14.11
CA THR A 334 -18.73 20.20 -13.86
C THR A 334 -19.35 20.97 -12.70
N ALA A 335 -20.68 21.01 -12.68
CA ALA A 335 -21.40 21.70 -11.62
C ALA A 335 -21.13 21.06 -10.27
N GLY A 336 -20.71 21.86 -9.30
CA GLY A 336 -20.34 21.36 -7.99
C GLY A 336 -19.12 20.46 -8.06
N GLY A 337 -18.20 20.81 -8.96
CA GLY A 337 -17.01 20.01 -9.17
C GLY A 337 -16.00 20.11 -8.04
N THR A 338 -15.97 21.26 -7.37
CA THR A 338 -15.05 21.47 -6.25
C THR A 338 -15.40 20.52 -5.11
N PHE A 339 -16.68 20.46 -4.77
CA PHE A 339 -17.15 19.56 -3.71
C PHE A 339 -16.87 18.10 -4.06
N LEU A 340 -17.01 17.79 -5.35
CA LEU A 340 -16.75 16.45 -5.84
C LEU A 340 -15.28 16.10 -5.63
N GLY A 341 -14.41 17.04 -5.97
CA GLY A 341 -12.99 16.90 -5.72
C GLY A 341 -12.75 16.65 -4.25
N PHE A 342 -13.43 17.43 -3.40
CA PHE A 342 -13.30 17.26 -1.97
C PHE A 342 -13.63 15.84 -1.53
N LEU A 343 -14.76 15.32 -2.03
CA LEU A 343 -15.14 13.95 -1.70
C LEU A 343 -14.04 12.99 -2.13
N TRP A 344 -13.52 13.20 -3.34
CA TRP A 344 -12.42 12.39 -3.85
C TRP A 344 -11.23 12.35 -2.91
N PHE A 345 -10.73 13.52 -2.51
CA PHE A 345 -9.56 13.59 -1.65
C PHE A 345 -9.82 13.12 -0.22
N PHE A 346 -11.06 13.24 0.23
CA PHE A 346 -11.44 12.75 1.55
C PHE A 346 -11.40 11.22 1.56
N LEU A 347 -12.00 10.64 0.52
CA LEU A 347 -11.93 9.20 0.29
C LEU A 347 -10.47 8.74 0.29
N LEU A 348 -9.66 9.39 -0.54
CA LEU A 348 -8.23 9.07 -0.59
C LEU A 348 -7.61 9.14 0.79
N PHE A 349 -7.99 10.16 1.56
CA PHE A 349 -7.41 10.36 2.89
C PHE A 349 -7.73 9.22 3.84
N PHE A 350 -9.01 8.86 3.97
CA PHE A 350 -9.38 7.75 4.84
C PHE A 350 -8.70 6.45 4.38
N ALA A 351 -8.71 6.22 3.08
CA ALA A 351 -8.08 5.05 2.50
C ALA A 351 -6.59 4.97 2.86
N GLY A 352 -5.93 6.12 2.89
CA GLY A 352 -4.53 6.17 3.22
C GLY A 352 -4.26 6.00 4.70
N LEU A 353 -5.08 6.63 5.52
CA LEU A 353 -4.94 6.57 6.97
C LEU A 353 -5.07 5.14 7.48
N THR A 354 -6.15 4.48 7.05
CA THR A 354 -6.41 3.11 7.49
C THR A 354 -5.23 2.17 7.19
N SER A 355 -4.46 2.51 6.15
CA SER A 355 -3.26 1.73 5.79
C SER A 355 -2.02 2.14 6.59
N SER A 356 -1.86 3.45 6.76
CA SER A 356 -0.69 3.98 7.47
C SER A 356 -0.62 3.47 8.90
N ILE A 357 -1.77 3.50 9.59
CA ILE A 357 -1.81 2.93 10.94
C ILE A 357 -1.32 1.47 10.87
N ALA A 358 -1.74 0.76 9.84
CA ALA A 358 -1.36 -0.62 9.64
C ALA A 358 0.15 -0.82 9.46
N ILE A 359 0.81 0.07 8.71
CA ILE A 359 2.26 -0.07 8.50
C ILE A 359 3.12 0.45 9.64
N MET A 360 2.58 1.34 10.49
CA MET A 360 3.30 1.75 11.69
C MET A 360 3.16 0.72 12.83
N GLN A 361 2.04 0.01 12.81
CA GLN A 361 1.77 -1.01 13.82
C GLN A 361 2.86 -2.08 13.98
N PRO A 362 3.53 -2.47 12.88
CA PRO A 362 4.62 -3.45 13.04
C PRO A 362 5.76 -2.95 13.92
N MET A 363 6.20 -1.72 13.70
CA MET A 363 7.24 -1.12 14.52
C MET A 363 6.75 -0.99 15.95
N ILE A 364 5.56 -0.43 16.11
CA ILE A 364 4.97 -0.30 17.44
C ILE A 364 4.97 -1.63 18.19
N ALA A 365 4.58 -2.68 17.49
CA ALA A 365 4.46 -4.02 18.06
C ALA A 365 5.82 -4.64 18.37
N PHE A 366 6.83 -4.35 17.56
CA PHE A 366 8.17 -4.83 17.88
C PHE A 366 8.65 -4.18 19.16
N LEU A 367 8.41 -2.87 19.28
CA LEU A 367 8.81 -2.16 20.49
C LEU A 367 8.09 -2.72 21.72
N GLU A 368 6.79 -2.91 21.59
CA GLU A 368 5.99 -3.42 22.71
C GLU A 368 6.38 -4.84 23.13
N ASP A 369 6.42 -5.75 22.16
CA ASP A 369 6.68 -7.14 22.44
C ASP A 369 8.14 -7.41 22.82
N GLU A 370 9.07 -6.97 21.97
CA GLU A 370 10.48 -7.31 22.15
C GLU A 370 11.22 -6.41 23.15
N LEU A 371 10.97 -5.11 23.09
CA LEU A 371 11.64 -4.18 24.01
C LEU A 371 10.77 -3.87 25.23
N LYS A 372 9.60 -4.49 25.29
CA LYS A 372 8.71 -4.37 26.44
C LYS A 372 8.34 -2.92 26.76
N LEU A 373 8.25 -2.09 25.72
CA LEU A 373 7.82 -0.71 25.88
C LEU A 373 6.30 -0.63 26.01
N SER A 374 5.82 0.39 26.71
CA SER A 374 4.38 0.65 26.81
C SER A 374 3.87 1.09 25.44
N ARG A 375 2.57 0.94 25.23
CA ARG A 375 1.97 1.32 23.94
C ARG A 375 2.18 2.80 23.62
N LYS A 376 1.97 3.65 24.61
CA LYS A 376 2.16 5.09 24.45
C LYS A 376 3.57 5.42 23.95
N HIS A 377 4.57 4.94 24.67
CA HIS A 377 5.97 5.19 24.31
C HIS A 377 6.30 4.65 22.93
N ALA A 378 5.90 3.41 22.66
CA ALA A 378 6.14 2.78 21.37
C ALA A 378 5.57 3.61 20.23
N VAL A 379 4.33 4.03 20.39
CA VAL A 379 3.66 4.84 19.37
C VAL A 379 4.34 6.18 19.17
N LEU A 380 4.68 6.85 20.28
CA LEU A 380 5.32 8.17 20.20
C LEU A 380 6.70 8.10 19.53
N TRP A 381 7.46 7.05 19.84
CA TRP A 381 8.79 6.88 19.27
C TRP A 381 8.73 6.50 17.79
N THR A 382 7.79 5.61 17.46
CA THR A 382 7.57 5.26 16.06
C THR A 382 7.21 6.51 15.27
N ALA A 383 6.32 7.32 15.84
CA ALA A 383 5.90 8.57 15.21
C ALA A 383 7.08 9.52 15.04
N ALA A 384 7.92 9.60 16.06
CA ALA A 384 9.09 10.47 16.01
C ALA A 384 10.04 10.04 14.89
N ILE A 385 10.33 8.75 14.82
CA ILE A 385 11.23 8.22 13.81
C ILE A 385 10.68 8.46 12.41
N VAL A 386 9.42 8.12 12.20
CA VAL A 386 8.78 8.30 10.91
C VAL A 386 8.77 9.78 10.49
N PHE A 387 8.33 10.64 11.40
CA PHE A 387 8.29 12.07 11.14
C PHE A 387 9.66 12.61 10.77
N PHE A 388 10.66 12.28 11.58
CA PHE A 388 12.03 12.73 11.31
C PHE A 388 12.50 12.26 9.94
N SER A 389 12.43 10.97 9.69
CA SER A 389 12.88 10.41 8.41
C SER A 389 12.13 11.01 7.23
N ALA A 390 10.90 11.46 7.48
CA ALA A 390 10.04 12.01 6.42
C ALA A 390 10.62 13.26 5.76
N HIS A 391 11.48 13.98 6.47
CA HIS A 391 12.08 15.19 5.93
C HIS A 391 12.89 14.88 4.68
N LEU A 392 13.42 13.65 4.63
CA LEU A 392 14.17 13.18 3.49
C LEU A 392 13.27 13.14 2.25
N VAL A 393 12.07 12.59 2.42
CA VAL A 393 11.11 12.48 1.34
C VAL A 393 10.53 13.85 0.97
N MET A 394 10.38 14.72 1.97
CA MET A 394 9.81 16.03 1.73
C MET A 394 10.75 16.96 0.97
N PHE A 395 11.99 17.06 1.42
CA PHE A 395 12.93 18.01 0.83
C PHE A 395 13.83 17.47 -0.28
N LEU A 396 13.82 16.15 -0.49
CA LEU A 396 14.69 15.55 -1.50
C LEU A 396 13.92 14.96 -2.67
N ASN A 397 14.08 15.58 -3.84
CA ASN A 397 13.44 15.10 -5.05
C ASN A 397 13.94 13.71 -5.42
N LYS A 398 13.02 12.84 -5.82
CA LYS A 398 13.35 11.48 -6.27
C LYS A 398 13.62 10.50 -5.13
N SER A 399 13.60 11.00 -3.90
CA SER A 399 13.81 10.15 -2.74
C SER A 399 12.63 9.21 -2.55
N LEU A 400 11.42 9.78 -2.66
CA LEU A 400 10.19 9.03 -2.52
C LEU A 400 10.18 7.83 -3.47
N ASP A 401 10.48 8.08 -4.74
CA ASP A 401 10.52 7.01 -5.74
C ASP A 401 11.50 5.91 -5.36
N GLU A 402 12.65 6.30 -4.82
CA GLU A 402 13.69 5.34 -4.45
C GLU A 402 13.23 4.45 -3.30
N MET A 403 12.60 5.06 -2.29
CA MET A 403 12.06 4.29 -1.18
C MET A 403 10.95 3.36 -1.66
N ASP A 404 10.08 3.89 -2.51
CA ASP A 404 8.97 3.12 -3.05
C ASP A 404 9.49 1.94 -3.86
N PHE A 405 10.66 2.11 -4.47
CA PHE A 405 11.26 1.05 -5.25
C PHE A 405 11.87 -0.02 -4.36
N TRP A 406 12.89 0.35 -3.59
CA TRP A 406 13.60 -0.61 -2.76
C TRP A 406 12.71 -1.30 -1.73
N ALA A 407 11.79 -0.56 -1.14
CA ALA A 407 10.90 -1.11 -0.12
C ALA A 407 9.60 -1.65 -0.71
N GLY A 408 8.81 -0.75 -1.30
CA GLY A 408 7.47 -1.08 -1.76
C GLY A 408 7.39 -1.95 -3.00
N THR A 409 8.51 -2.18 -3.67
CA THR A 409 8.51 -2.98 -4.90
C THR A 409 9.34 -4.26 -4.78
N ILE A 410 10.66 -4.11 -4.78
CA ILE A 410 11.55 -5.26 -4.67
C ILE A 410 11.45 -5.94 -3.31
N GLY A 411 11.55 -5.13 -2.25
CA GLY A 411 11.56 -5.63 -0.89
C GLY A 411 10.37 -6.49 -0.52
N VAL A 412 9.17 -6.10 -0.96
CA VAL A 412 7.98 -6.84 -0.60
C VAL A 412 7.94 -8.22 -1.26
N VAL A 413 8.44 -8.31 -2.49
CA VAL A 413 8.50 -9.57 -3.20
C VAL A 413 9.56 -10.48 -2.58
N PHE A 414 10.76 -9.94 -2.41
CA PHE A 414 11.83 -10.68 -1.75
C PHE A 414 11.39 -11.22 -0.40
N PHE A 415 10.70 -10.38 0.36
CA PHE A 415 10.26 -10.74 1.71
C PHE A 415 9.13 -11.75 1.69
N GLY A 416 8.27 -11.65 0.68
CA GLY A 416 7.20 -12.61 0.50
C GLY A 416 7.77 -14.00 0.21
N LEU A 417 8.70 -14.06 -0.72
CA LEU A 417 9.39 -15.31 -1.03
C LEU A 417 10.08 -15.85 0.21
N THR A 418 10.76 -14.97 0.94
CA THR A 418 11.48 -15.37 2.14
C THR A 418 10.56 -16.00 3.18
N GLU A 419 9.48 -15.31 3.50
CA GLU A 419 8.54 -15.80 4.51
C GLU A 419 7.87 -17.09 4.07
N LEU A 420 7.52 -17.17 2.78
CA LEU A 420 6.90 -18.38 2.26
C LEU A 420 7.86 -19.56 2.38
N ILE A 421 9.13 -19.33 2.04
CA ILE A 421 10.14 -20.37 2.11
C ILE A 421 10.36 -20.83 3.54
N ILE A 422 10.44 -19.88 4.48
CA ILE A 422 10.63 -20.21 5.88
C ILE A 422 9.46 -21.01 6.45
N PHE A 423 8.24 -20.54 6.18
CA PHE A 423 7.05 -21.14 6.76
C PHE A 423 6.69 -22.50 6.12
N PHE A 424 6.63 -22.53 4.80
CA PHE A 424 6.13 -23.72 4.09
C PHE A 424 7.20 -24.73 3.70
N TRP A 425 8.47 -24.37 3.88
CA TRP A 425 9.57 -25.28 3.55
C TRP A 425 10.39 -25.70 4.78
N ILE A 426 11.06 -24.74 5.40
CA ILE A 426 11.89 -25.02 6.57
C ILE A 426 11.05 -25.52 7.74
N PHE A 427 10.05 -24.73 8.12
CA PHE A 427 9.15 -25.10 9.21
C PHE A 427 8.37 -26.37 8.85
N GLY A 428 8.34 -26.68 7.55
CA GLY A 428 7.64 -27.84 7.04
C GLY A 428 6.30 -27.48 6.43
N ALA A 429 5.93 -28.22 5.39
CA ALA A 429 4.72 -27.93 4.62
C ALA A 429 3.45 -28.42 5.31
N ASP A 430 3.53 -29.63 5.88
CA ASP A 430 2.38 -30.22 6.54
C ASP A 430 2.00 -29.47 7.81
N LYS A 431 3.00 -29.15 8.62
CA LYS A 431 2.79 -28.39 9.84
C LYS A 431 2.23 -27.01 9.52
N ALA A 432 2.76 -26.40 8.47
CA ALA A 432 2.28 -25.10 8.01
C ALA A 432 0.82 -25.16 7.59
N TRP A 433 0.49 -26.15 6.77
CA TRP A 433 -0.86 -26.34 6.28
C TRP A 433 -1.83 -26.54 7.44
N GLU A 434 -1.49 -27.46 8.34
CA GLU A 434 -2.31 -27.71 9.51
C GLU A 434 -2.49 -26.44 10.33
N GLU A 435 -1.42 -25.64 10.43
CA GLU A 435 -1.48 -24.40 11.18
C GLU A 435 -2.40 -23.38 10.52
N ILE A 436 -2.43 -23.40 9.18
CA ILE A 436 -3.27 -22.47 8.43
C ILE A 436 -4.74 -22.85 8.57
N ASN A 437 -5.06 -24.13 8.40
CA ASN A 437 -6.45 -24.56 8.44
C ASN A 437 -7.05 -24.62 9.85
N ARG A 438 -6.19 -24.74 10.86
CA ARG A 438 -6.66 -24.90 12.23
C ARG A 438 -7.62 -23.78 12.64
N GLY A 439 -8.77 -24.18 13.19
CA GLY A 439 -9.75 -23.24 13.69
C GLY A 439 -10.52 -22.52 12.59
N GLY A 440 -10.24 -22.86 11.35
CA GLY A 440 -10.87 -22.21 10.22
C GLY A 440 -12.35 -22.54 10.08
N ILE A 441 -13.17 -21.50 9.92
CA ILE A 441 -14.60 -21.67 9.67
C ILE A 441 -14.81 -22.45 8.39
N ILE A 442 -13.96 -22.18 7.40
CA ILE A 442 -13.90 -22.98 6.18
C ILE A 442 -12.45 -23.40 5.98
N LYS A 443 -12.24 -24.41 5.13
CA LYS A 443 -10.90 -24.91 4.88
C LYS A 443 -10.38 -24.54 3.50
N VAL A 444 -9.07 -24.30 3.41
CA VAL A 444 -8.43 -23.98 2.15
C VAL A 444 -8.49 -25.17 1.20
N PRO A 445 -8.92 -24.93 -0.05
CA PRO A 445 -8.95 -25.99 -1.07
C PRO A 445 -7.62 -26.71 -1.15
N ARG A 446 -7.65 -28.03 -1.21
CA ARG A 446 -6.43 -28.84 -1.19
C ARG A 446 -5.41 -28.39 -2.23
N ILE A 447 -5.89 -27.99 -3.40
CA ILE A 447 -5.01 -27.61 -4.50
C ILE A 447 -4.00 -26.54 -4.08
N TYR A 448 -4.46 -25.60 -3.25
CA TYR A 448 -3.61 -24.50 -2.80
C TYR A 448 -2.37 -24.97 -2.04
N TYR A 449 -2.45 -26.15 -1.44
CA TYR A 449 -1.30 -26.73 -0.76
C TYR A 449 -0.15 -26.85 -1.75
N TYR A 450 -0.47 -27.30 -2.95
CA TYR A 450 0.53 -27.47 -4.00
C TYR A 450 0.89 -26.13 -4.64
N VAL A 451 0.00 -25.15 -4.51
CA VAL A 451 0.25 -23.81 -5.02
C VAL A 451 1.27 -23.08 -4.15
N MET A 452 1.10 -23.21 -2.84
CA MET A 452 1.99 -22.58 -1.87
C MET A 452 3.38 -23.19 -1.88
N ARG A 453 3.46 -24.51 -1.99
CA ARG A 453 4.72 -25.23 -1.86
C ARG A 453 5.60 -25.18 -3.12
N TYR A 454 4.97 -25.07 -4.28
CA TYR A 454 5.73 -25.17 -5.54
C TYR A 454 5.53 -23.97 -6.46
N ILE A 455 4.30 -23.76 -6.92
CA ILE A 455 4.01 -22.73 -7.91
C ILE A 455 4.45 -21.32 -7.48
N THR A 456 3.94 -20.88 -6.34
CA THR A 456 4.19 -19.52 -5.85
C THR A 456 5.69 -19.19 -5.68
N PRO A 457 6.42 -20.00 -4.91
CA PRO A 457 7.83 -19.69 -4.67
C PRO A 457 8.65 -19.69 -5.96
N ALA A 458 8.34 -20.60 -6.88
CA ALA A 458 9.02 -20.66 -8.16
C ALA A 458 8.75 -19.39 -8.96
N PHE A 459 7.48 -19.02 -9.04
CA PHE A 459 7.07 -17.81 -9.74
C PHE A 459 7.81 -16.60 -9.21
N LEU A 460 7.77 -16.41 -7.89
CA LEU A 460 8.44 -15.28 -7.25
C LEU A 460 9.95 -15.29 -7.48
N ALA A 461 10.55 -16.48 -7.40
CA ALA A 461 11.98 -16.61 -7.62
C ALA A 461 12.37 -16.17 -9.03
N VAL A 462 11.60 -16.64 -10.01
CA VAL A 462 11.81 -16.22 -11.39
C VAL A 462 11.71 -14.71 -11.51
N LEU A 463 10.63 -14.15 -10.97
CA LEU A 463 10.44 -12.70 -10.98
C LEU A 463 11.67 -11.97 -10.46
N LEU A 464 12.12 -12.36 -9.27
CA LEU A 464 13.26 -11.73 -8.62
C LEU A 464 14.53 -11.86 -9.48
N VAL A 465 14.69 -13.01 -10.12
CA VAL A 465 15.83 -13.22 -11.01
C VAL A 465 15.82 -12.24 -12.17
N VAL A 466 14.67 -12.12 -12.84
CA VAL A 466 14.52 -11.17 -13.93
C VAL A 466 14.84 -9.74 -13.46
N TRP A 467 14.14 -9.33 -12.40
CA TRP A 467 14.34 -8.00 -11.83
C TRP A 467 15.81 -7.72 -11.56
N ALA A 468 16.47 -8.61 -10.82
CA ALA A 468 17.88 -8.44 -10.50
C ALA A 468 18.71 -8.31 -11.77
N ARG A 469 18.49 -9.21 -12.72
CA ARG A 469 19.19 -9.16 -14.00
C ARG A 469 19.12 -7.77 -14.62
N GLU A 470 17.91 -7.20 -14.64
CA GLU A 470 17.72 -5.90 -15.28
C GLU A 470 18.31 -4.74 -14.48
N TYR A 471 18.11 -4.75 -13.17
CA TYR A 471 18.48 -3.63 -12.31
C TYR A 471 19.96 -3.55 -11.91
N ILE A 472 20.60 -4.69 -11.70
CA ILE A 472 21.98 -4.69 -11.21
C ILE A 472 22.93 -3.76 -12.00
N PRO A 473 22.84 -3.77 -13.34
CA PRO A 473 23.71 -2.85 -14.09
C PRO A 473 23.31 -1.39 -13.90
N LYS A 474 22.00 -1.12 -13.86
CA LYS A 474 21.49 0.24 -13.76
C LYS A 474 21.84 0.90 -12.43
N ILE A 475 21.78 0.12 -11.35
CA ILE A 475 22.01 0.65 -10.01
C ILE A 475 23.34 1.40 -9.89
N MET A 476 24.42 0.74 -10.29
CA MET A 476 25.75 1.31 -10.12
C MET A 476 25.94 2.61 -10.89
N GLU A 477 25.34 2.74 -12.06
CA GLU A 477 25.38 4.01 -12.76
C GLU A 477 24.06 4.74 -12.59
N GLU A 478 24.09 5.74 -11.72
CA GLU A 478 22.97 6.64 -11.50
C GLU A 478 23.57 8.00 -11.17
N THR A 479 23.09 9.04 -11.82
CA THR A 479 23.75 10.35 -11.72
C THR A 479 23.41 11.12 -10.43
N HIS A 480 22.14 11.05 -10.03
CA HIS A 480 21.63 11.90 -8.96
C HIS A 480 22.11 11.50 -7.57
N TRP A 481 22.52 12.49 -6.77
CA TRP A 481 23.02 12.24 -5.43
C TRP A 481 21.91 12.00 -4.41
N THR A 482 20.72 12.52 -4.70
CA THR A 482 19.57 12.35 -3.82
C THR A 482 19.28 10.87 -3.56
N VAL A 483 19.41 10.06 -4.61
CA VAL A 483 19.13 8.64 -4.49
C VAL A 483 20.20 7.93 -3.66
N TRP A 484 21.44 8.37 -3.79
CA TRP A 484 22.52 7.82 -2.98
C TRP A 484 22.35 8.19 -1.51
N ILE A 485 21.87 9.40 -1.27
CA ILE A 485 21.57 9.85 0.08
C ILE A 485 20.46 9.01 0.69
N THR A 486 19.42 8.77 -0.11
CA THR A 486 18.29 7.96 0.33
C THR A 486 18.72 6.53 0.64
N ARG A 487 19.48 5.94 -0.28
CA ARG A 487 19.99 4.59 -0.10
C ARG A 487 20.81 4.51 1.19
N PHE A 488 21.79 5.40 1.31
CA PHE A 488 22.61 5.46 2.52
C PHE A 488 21.75 5.50 3.76
N TYR A 489 20.76 6.40 3.76
CA TYR A 489 19.92 6.58 4.95
C TYR A 489 19.10 5.34 5.29
N ILE A 490 18.45 4.73 4.30
CA ILE A 490 17.60 3.57 4.56
C ILE A 490 18.45 2.37 4.99
N ILE A 491 19.66 2.27 4.44
CA ILE A 491 20.61 1.27 4.91
C ILE A 491 20.91 1.51 6.39
N GLY A 492 21.09 2.79 6.73
CA GLY A 492 21.25 3.18 8.12
C GLY A 492 20.09 2.71 8.97
N LEU A 493 18.87 2.88 8.47
CA LEU A 493 17.69 2.43 9.18
C LEU A 493 17.75 0.92 9.39
N PHE A 494 18.23 0.20 8.39
CA PHE A 494 18.36 -1.25 8.50
C PHE A 494 19.34 -1.63 9.60
N LEU A 495 20.46 -0.92 9.67
CA LEU A 495 21.46 -1.16 10.72
C LEU A 495 20.88 -0.85 12.10
N PHE A 496 20.11 0.22 12.18
CA PHE A 496 19.43 0.63 13.40
C PHE A 496 18.49 -0.46 13.91
N LEU A 497 17.61 -0.93 13.02
CA LEU A 497 16.65 -1.96 13.37
C LEU A 497 17.36 -3.26 13.76
N THR A 498 18.39 -3.62 13.02
CA THR A 498 19.19 -4.80 13.36
C THR A 498 19.74 -4.66 14.77
N PHE A 499 20.22 -3.46 15.10
CA PHE A 499 20.75 -3.19 16.42
C PHE A 499 19.67 -3.36 17.50
N LEU A 500 18.48 -2.82 17.25
CA LEU A 500 17.36 -2.96 18.19
C LEU A 500 17.04 -4.44 18.42
N VAL A 501 17.03 -5.20 17.33
CA VAL A 501 16.80 -6.64 17.41
C VAL A 501 17.86 -7.29 18.29
N PHE A 502 19.10 -6.85 18.13
CA PHE A 502 20.20 -7.32 18.96
C PHE A 502 19.94 -7.04 20.45
N LEU A 503 19.53 -5.81 20.75
CA LEU A 503 19.23 -5.42 22.12
C LEU A 503 18.11 -6.27 22.71
N ALA A 504 17.07 -6.50 21.93
CA ALA A 504 15.96 -7.34 22.38
C ALA A 504 16.45 -8.75 22.69
N GLU A 505 17.23 -9.30 21.76
CA GLU A 505 17.80 -10.64 21.93
C GLU A 505 18.58 -10.72 23.23
N ARG A 506 19.40 -9.71 23.49
CA ARG A 506 20.21 -9.68 24.71
C ARG A 506 19.32 -9.60 25.96
N ARG A 507 18.30 -8.76 25.90
CA ARG A 507 17.36 -8.62 27.01
C ARG A 507 16.72 -9.96 27.34
N ARG A 508 16.40 -10.73 26.30
CA ARG A 508 15.83 -12.06 26.52
C ARG A 508 16.73 -12.90 27.44
N ASN A 509 18.01 -12.96 27.10
CA ASN A 509 18.98 -13.72 27.91
C ASN A 509 19.09 -13.17 29.33
NA NA B . -6.34 1.71 3.92
NA NA C . -5.23 -2.37 -1.46
N MSE D . -2.15 -1.96 0.70
CA MSE D . -1.73 -0.57 0.77
C MSE D . -2.38 0.25 -0.35
O MSE D . -2.49 1.47 -0.25
OXT MSE D . -2.80 -0.29 -1.37
CB MSE D . -0.21 -0.47 0.68
CG MSE D . 0.52 -1.17 1.80
SE MSE D . 0.00 -0.52 3.56
CE MSE D . 0.50 1.35 3.38
C ACT E . -20.46 -20.41 6.71
O ACT E . -19.87 -20.82 7.74
OXT ACT E . -19.80 -19.67 5.94
CH3 ACT E . -21.88 -20.79 6.43
P1 PC F . 23.04 -19.68 15.53
O1 PC F . 23.01 -21.14 15.12
O3 PC F . 21.64 -19.12 15.43
O4 PC F . 23.58 -19.53 16.92
O2 PC F . 23.98 -18.88 14.55
C1 PC F . 23.81 -18.96 13.18
C2 PC F . 24.64 -18.03 12.36
N1 PC F . 24.60 -18.15 10.89
C3 PC F . 25.59 -17.27 10.29
C4 PC F . 23.27 -17.81 10.40
C5 PC F . 24.88 -19.53 10.53
I IOD G . 13.53 -10.31 18.47
#